data_5Y4E
#
_entry.id   5Y4E
#
_cell.length_a   186.085
_cell.length_b   186.085
_cell.length_c   75.354
_cell.angle_alpha   90.000
_cell.angle_beta   90.000
_cell.angle_gamma   120.000
#
_symmetry.space_group_name_H-M   'P 65 2 2'
#
loop_
_entity.id
_entity.type
_entity.pdbx_description
1 polymer Ankyrin-2,Ankyrin-2
2 non-polymer GLYCEROL
3 non-polymer 'SULFATE ION'
4 water water
#
_entity_poly.entity_id   1
_entity_poly.type   'polypeptide(L)'
_entity_poly.pdbx_seq_one_letter_code
;DGGEYLRPEDLKELGDDSLPSSQFLDGMNYLRYSLEGGRSLVPRGSGSRNGITPLHVASKRGNTNMVKLLLDRGGQIDAK
TRDGLTPLHCAARSGHDQVVELLLERGAPLLARTKNGLSPLHMAAQGDHVECVKHLLQHKAPVDDVTLDYLTALHVAAHC
GHYRVTKLLLDKRANPNARALNGFTPLHIACKKNRIKVMELLVKYGASIQAITESGLTPIHVAAFMGHLNIVLLLLQNGA
SPDVTNIRGETALHMAARAGQVEVVRCLKVVTEEVTT
;
_entity_poly.pdbx_strand_id   A,B
#
loop_
_chem_comp.id
_chem_comp.type
_chem_comp.name
_chem_comp.formula
GOL non-polymer GLYCEROL 'C3 H8 O3'
SO4 non-polymer 'SULFATE ION' 'O4 S -2'
#
# COMPACT_ATOMS: atom_id res chain seq x y z
N GLY A 27 -0.13 7.50 -4.58
CA GLY A 27 -1.14 8.52 -4.45
C GLY A 27 -1.68 8.61 -3.03
N MET A 28 -1.95 7.46 -2.42
CA MET A 28 -2.47 7.36 -1.06
C MET A 28 -1.38 7.16 -0.01
N ASN A 29 -0.14 6.97 -0.43
CA ASN A 29 0.95 6.64 0.48
C ASN A 29 1.71 7.90 0.88
N TYR A 30 2.09 7.98 2.15
CA TYR A 30 3.04 8.98 2.63
C TYR A 30 4.21 8.34 3.35
N LEU A 31 4.30 7.01 3.37
CA LEU A 31 5.37 6.28 4.02
C LEU A 31 6.09 5.44 2.99
N ARG A 32 7.42 5.57 2.93
CA ARG A 32 8.20 4.79 1.97
C ARG A 32 8.26 3.32 2.38
N TYR A 33 8.72 3.05 3.61
CA TYR A 33 8.71 1.68 4.11
C TYR A 33 7.65 1.63 5.18
N SER A 34 7.99 1.67 6.45
CA SER A 34 7.03 1.85 7.52
C SER A 34 7.32 3.17 8.22
N LEU A 35 6.53 3.47 9.25
CA LEU A 35 6.83 4.64 10.06
C LEU A 35 8.12 4.44 10.86
N GLU A 36 8.43 3.20 11.25
CA GLU A 36 9.62 2.85 12.05
C GLU A 36 9.59 3.52 13.43
N ASN A 50 24.33 -5.19 16.01
CA ASN A 50 24.27 -5.02 17.46
C ASN A 50 24.21 -3.52 17.83
N GLY A 51 25.26 -3.03 18.50
CA GLY A 51 25.39 -1.63 18.88
C GLY A 51 24.67 -1.23 20.15
N ILE A 52 23.94 -2.14 20.79
CA ILE A 52 23.18 -1.86 22.00
C ILE A 52 24.13 -1.73 23.19
N THR A 53 24.09 -0.58 23.87
CA THR A 53 24.91 -0.31 25.03
C THR A 53 24.11 -0.31 26.31
N PRO A 54 24.78 -0.41 27.47
CA PRO A 54 24.05 -0.31 28.74
C PRO A 54 23.24 0.97 28.88
N LEU A 55 23.77 2.11 28.41
CA LEU A 55 22.95 3.32 28.43
C LEU A 55 21.65 3.15 27.66
N HIS A 56 21.67 2.41 26.55
CA HIS A 56 20.44 2.16 25.82
C HIS A 56 19.46 1.37 26.67
N VAL A 57 19.94 0.37 27.41
CA VAL A 57 19.04 -0.52 28.12
C VAL A 57 18.44 0.17 29.34
N ALA A 58 19.28 0.85 30.13
CA ALA A 58 18.76 1.58 31.29
C ALA A 58 17.80 2.69 30.88
N SER A 59 18.03 3.34 29.72
CA SER A 59 17.15 4.42 29.28
C SER A 59 15.81 3.88 28.84
N LYS A 60 15.81 2.74 28.14
CA LYS A 60 14.56 2.10 27.76
C LYS A 60 13.78 1.62 28.98
N ARG A 61 14.47 1.13 30.01
CA ARG A 61 13.79 0.63 31.21
C ARG A 61 13.48 1.74 32.21
N GLY A 62 13.90 2.97 31.93
CA GLY A 62 13.55 4.08 32.80
C GLY A 62 14.27 4.08 34.12
N ASN A 63 15.46 3.50 34.19
CA ASN A 63 16.25 3.40 35.43
C ASN A 63 17.15 4.61 35.53
N THR A 64 16.61 5.70 36.10
CA THR A 64 17.32 6.99 36.12
C THR A 64 18.64 6.91 36.87
N ASN A 65 18.64 6.23 38.03
CA ASN A 65 19.85 6.16 38.84
C ASN A 65 20.96 5.43 38.09
N MET A 66 20.62 4.37 37.36
CA MET A 66 21.67 3.63 36.68
C MET A 66 22.22 4.44 35.53
N VAL A 67 21.33 5.14 34.79
CA VAL A 67 21.78 6.05 33.74
C VAL A 67 22.77 7.05 34.29
N LYS A 68 22.41 7.67 35.43
CA LYS A 68 23.33 8.59 36.10
C LYS A 68 24.67 7.92 36.34
N LEU A 69 24.66 6.73 36.93
CA LEU A 69 25.92 6.02 37.22
C LEU A 69 26.70 5.75 35.95
N LEU A 70 26.04 5.19 34.93
CA LEU A 70 26.73 4.96 33.66
C LEU A 70 27.30 6.26 33.10
N LEU A 71 26.57 7.37 33.21
CA LEU A 71 27.09 8.62 32.68
C LEU A 71 28.27 9.12 33.50
N ASP A 72 28.18 9.00 34.82
CA ASP A 72 29.24 9.52 35.68
C ASP A 72 30.53 8.73 35.53
N ARG A 73 30.47 7.47 35.09
CA ARG A 73 31.66 6.66 34.85
C ARG A 73 32.14 6.74 33.41
N GLY A 74 31.65 7.68 32.61
CA GLY A 74 32.15 7.93 31.29
C GLY A 74 31.38 7.34 30.12
N GLY A 75 30.24 6.70 30.38
CA GLY A 75 29.49 6.07 29.30
C GLY A 75 29.07 7.07 28.23
N GLN A 76 28.98 6.59 27.00
CA GLN A 76 28.84 7.47 25.85
C GLN A 76 27.38 7.85 25.68
N ILE A 77 27.07 9.13 25.91
CA ILE A 77 25.68 9.56 25.95
C ILE A 77 25.02 9.48 24.59
N ASP A 78 25.78 9.53 23.50
CA ASP A 78 25.20 9.55 22.17
C ASP A 78 25.56 8.31 21.35
N ALA A 79 25.85 7.19 22.02
CA ALA A 79 26.09 5.96 21.28
C ALA A 79 24.87 5.58 20.44
N LYS A 80 25.10 5.11 19.22
CA LYS A 80 24.04 4.77 18.27
C LYS A 80 23.99 3.26 18.02
N THR A 81 22.78 2.70 18.01
CA THR A 81 22.61 1.32 17.59
C THR A 81 22.77 1.19 16.07
N ARG A 82 22.61 -0.05 15.58
CA ARG A 82 22.73 -0.31 14.14
C ARG A 82 21.75 0.55 13.35
N ASP A 83 20.53 0.71 13.86
CA ASP A 83 19.51 1.58 13.26
C ASP A 83 19.70 3.05 13.59
N GLY A 84 20.71 3.41 14.38
CA GLY A 84 20.94 4.79 14.73
C GLY A 84 20.18 5.30 15.91
N LEU A 85 19.78 4.44 16.85
CA LEU A 85 19.07 4.88 18.04
C LEU A 85 20.06 5.27 19.13
N THR A 86 19.84 6.42 19.75
CA THR A 86 20.61 6.84 20.91
C THR A 86 19.85 6.52 22.17
N PRO A 87 20.51 6.58 23.32
CA PRO A 87 19.77 6.37 24.57
C PRO A 87 18.61 7.32 24.74
N LEU A 88 18.72 8.56 24.25
CA LEU A 88 17.61 9.50 24.36
C LEU A 88 16.42 9.05 23.50
N HIS A 89 16.68 8.43 22.34
CA HIS A 89 15.59 7.80 21.60
C HIS A 89 14.90 6.73 22.45
N CYS A 90 15.68 5.89 23.14
CA CYS A 90 15.09 4.80 23.89
C CYS A 90 14.24 5.31 25.04
N ALA A 91 14.70 6.33 25.76
CA ALA A 91 13.91 6.89 26.85
C ALA A 91 12.65 7.56 26.33
N ALA A 92 12.74 8.27 25.20
CA ALA A 92 11.58 8.98 24.68
C ALA A 92 10.56 8.02 24.07
N ARG A 93 11.03 6.95 23.42
CA ARG A 93 10.10 6.02 22.82
C ARG A 93 9.29 5.27 23.88
N SER A 94 9.89 5.08 25.06
CA SER A 94 9.26 4.34 26.15
C SER A 94 8.57 5.25 27.15
N GLY A 95 8.63 6.56 26.98
CA GLY A 95 7.87 7.45 27.85
C GLY A 95 8.48 7.72 29.21
N HIS A 96 9.81 7.62 29.34
CA HIS A 96 10.47 7.79 30.63
C HIS A 96 10.95 9.24 30.73
N ASP A 97 10.04 10.11 31.16
CA ASP A 97 10.33 11.54 31.05
C ASP A 97 11.43 11.99 31.98
N GLN A 98 11.59 11.38 33.14
CA GLN A 98 12.69 11.84 33.99
C GLN A 98 14.03 11.28 33.52
N VAL A 99 14.07 10.17 32.78
CA VAL A 99 15.30 9.78 32.09
C VAL A 99 15.60 10.75 30.95
N VAL A 100 14.57 11.08 30.15
CA VAL A 100 14.68 12.10 29.12
C VAL A 100 15.26 13.39 29.70
N GLU A 101 14.67 13.87 30.80
CA GLU A 101 15.13 15.13 31.38
C GLU A 101 16.58 15.02 31.82
N LEU A 102 16.95 13.90 32.46
CA LEU A 102 18.33 13.71 32.88
C LEU A 102 19.28 13.68 31.69
N LEU A 103 18.93 12.91 30.65
CA LEU A 103 19.76 12.86 29.45
C LEU A 103 19.94 14.24 28.85
N LEU A 104 18.85 14.98 28.66
CA LEU A 104 18.97 16.30 28.09
C LEU A 104 19.85 17.18 28.95
N GLU A 105 19.62 17.18 30.27
CA GLU A 105 20.42 17.99 31.17
C GLU A 105 21.89 17.67 31.07
N ARG A 106 22.23 16.44 30.70
CA ARG A 106 23.62 16.03 30.55
C ARG A 106 24.14 16.19 29.13
N GLY A 107 23.36 16.82 28.24
CA GLY A 107 23.86 17.16 26.92
C GLY A 107 23.65 16.12 25.84
N ALA A 108 22.72 15.20 26.01
CA ALA A 108 22.39 14.28 24.94
C ALA A 108 21.87 15.06 23.73
N PRO A 109 22.26 14.71 22.52
CA PRO A 109 21.87 15.52 21.36
C PRO A 109 20.46 15.17 20.91
N LEU A 110 19.54 16.11 21.11
CA LEU A 110 18.16 15.88 20.69
C LEU A 110 17.95 15.97 19.19
N LEU A 111 18.95 16.37 18.41
CA LEU A 111 18.79 16.37 16.96
C LEU A 111 19.18 15.05 16.32
N ALA A 112 19.67 14.10 17.11
CA ALA A 112 20.09 12.82 16.56
C ALA A 112 18.92 12.13 15.89
N ARG A 113 19.15 11.61 14.70
CA ARG A 113 18.08 10.92 14.01
C ARG A 113 18.54 9.50 13.66
N THR A 114 17.57 8.62 13.54
CA THR A 114 17.81 7.26 13.13
C THR A 114 18.02 7.20 11.63
N LYS A 115 18.28 5.99 11.14
CA LYS A 115 18.50 5.82 9.70
C LYS A 115 17.31 6.33 8.90
N ASN A 116 16.08 6.16 9.40
CA ASN A 116 14.89 6.65 8.73
C ASN A 116 14.54 8.09 9.09
N GLY A 117 15.35 8.75 9.91
CA GLY A 117 15.14 10.16 10.21
C GLY A 117 14.34 10.48 11.45
N LEU A 118 14.02 9.49 12.28
CA LEU A 118 13.22 9.78 13.47
C LEU A 118 14.11 10.38 14.55
N SER A 119 13.71 11.53 15.06
CA SER A 119 14.39 12.12 16.21
C SER A 119 13.71 11.62 17.47
N PRO A 120 14.22 11.98 18.67
CA PRO A 120 13.51 11.55 19.88
C PRO A 120 12.13 12.17 19.99
N LEU A 121 11.95 13.38 19.47
CA LEU A 121 10.63 13.99 19.46
C LEU A 121 9.64 13.13 18.68
N HIS A 122 10.04 12.65 17.49
CA HIS A 122 9.18 11.77 16.69
C HIS A 122 8.76 10.52 17.48
N MET A 123 9.70 9.94 18.23
CA MET A 123 9.41 8.71 18.94
C MET A 123 8.53 8.96 20.17
N ALA A 124 8.70 10.10 20.83
CA ALA A 124 7.80 10.47 21.91
C ALA A 124 6.39 10.65 21.38
N ALA A 125 6.26 11.29 20.21
CA ALA A 125 4.93 11.47 19.63
C ALA A 125 4.33 10.13 19.25
N GLN A 126 5.17 9.21 18.76
CA GLN A 126 4.72 7.88 18.39
C GLN A 126 4.02 7.20 19.55
N GLY A 127 4.46 7.47 20.77
CA GLY A 127 3.91 6.78 21.91
C GLY A 127 3.01 7.66 22.76
N ASP A 128 2.55 8.81 22.25
CA ASP A 128 1.70 9.74 23.03
C ASP A 128 2.35 10.14 24.36
N HIS A 129 3.67 10.25 24.38
CA HIS A 129 4.40 10.53 25.61
C HIS A 129 4.51 12.05 25.79
N VAL A 130 3.46 12.62 26.38
CA VAL A 130 3.30 14.07 26.41
C VAL A 130 4.43 14.72 27.18
N GLU A 131 4.74 14.21 28.37
CA GLU A 131 5.77 14.85 29.17
C GLU A 131 7.13 14.73 28.51
N CYS A 132 7.39 13.63 27.78
CA CYS A 132 8.64 13.57 27.02
C CYS A 132 8.67 14.63 25.93
N VAL A 133 7.54 14.83 25.24
CA VAL A 133 7.49 15.85 24.21
C VAL A 133 7.73 17.22 24.82
N LYS A 134 7.11 17.46 25.99
CA LYS A 134 7.31 18.73 26.70
C LYS A 134 8.79 18.98 26.99
N HIS A 135 9.50 17.97 27.53
CA HIS A 135 10.92 18.15 27.88
C HIS A 135 11.76 18.43 26.63
N LEU A 136 11.51 17.71 25.56
CA LEU A 136 12.26 17.90 24.32
C LEU A 136 12.06 19.30 23.75
N LEU A 137 10.80 19.75 23.62
CA LEU A 137 10.54 21.11 23.14
C LEU A 137 11.15 22.16 24.07
N GLN A 138 11.15 21.88 25.38
CA GLN A 138 11.73 22.82 26.34
C GLN A 138 13.23 22.96 26.15
N HIS A 139 13.88 21.93 25.62
CA HIS A 139 15.31 21.99 25.33
C HIS A 139 15.60 22.32 23.86
N LYS A 140 14.70 23.06 23.20
CA LYS A 140 14.88 23.68 21.89
C LYS A 140 14.70 22.73 20.71
N ALA A 141 14.21 21.49 20.93
CA ALA A 141 13.93 20.60 19.82
C ALA A 141 13.01 21.28 18.82
N PRO A 142 13.32 21.22 17.52
CA PRO A 142 12.49 21.86 16.50
C PRO A 142 11.15 21.16 16.37
N VAL A 143 10.06 21.91 16.53
CA VAL A 143 8.75 21.28 16.59
C VAL A 143 8.46 20.56 15.28
N ASP A 144 8.92 21.12 14.15
CA ASP A 144 8.66 20.53 12.84
C ASP A 144 9.94 19.92 12.23
N ASP A 145 10.79 19.33 13.08
CA ASP A 145 11.82 18.41 12.61
C ASP A 145 11.16 17.36 11.73
N VAL A 146 11.81 17.00 10.63
CA VAL A 146 11.22 16.03 9.70
C VAL A 146 12.08 14.76 9.65
N THR A 147 11.42 13.65 9.39
CA THR A 147 12.11 12.40 9.07
C THR A 147 12.46 12.37 7.58
N LEU A 148 12.96 11.22 7.14
CA LEU A 148 13.33 11.05 5.73
C LEU A 148 12.11 10.96 4.81
N ASP A 149 10.93 10.62 5.35
CA ASP A 149 9.66 10.72 4.63
C ASP A 149 9.02 12.11 4.80
N TYR A 150 9.79 13.06 5.31
CA TYR A 150 9.30 14.43 5.47
CA TYR A 150 9.37 14.44 5.53
C TYR A 150 8.22 14.56 6.55
N LEU A 151 8.11 13.60 7.47
CA LEU A 151 7.11 13.69 8.53
C LEU A 151 7.60 14.47 9.73
N THR A 152 6.81 15.45 10.15
CA THR A 152 6.97 16.09 11.44
C THR A 152 6.36 15.21 12.53
N ALA A 153 6.64 15.59 13.77
CA ALA A 153 6.01 14.91 14.90
C ALA A 153 4.49 14.99 14.79
N LEU A 154 3.96 16.13 14.30
CA LEU A 154 2.51 16.26 14.14
C LEU A 154 1.97 15.26 13.12
N HIS A 155 2.68 15.05 11.99
CA HIS A 155 2.30 13.97 11.08
C HIS A 155 2.23 12.64 11.82
N VAL A 156 3.19 12.40 12.71
CA VAL A 156 3.28 11.10 13.37
C VAL A 156 2.14 10.93 14.37
N ALA A 157 1.86 11.98 15.17
CA ALA A 157 0.74 11.95 16.10
C ALA A 157 -0.58 11.76 15.35
N ALA A 158 -0.73 12.41 14.19
CA ALA A 158 -1.93 12.21 13.40
C ALA A 158 -2.02 10.78 12.92
N HIS A 159 -0.91 10.24 12.42
CA HIS A 159 -0.93 8.88 11.92
C HIS A 159 -1.31 7.89 12.99
N CYS A 160 -0.81 8.09 14.22
CA CYS A 160 -1.13 7.22 15.35
C CYS A 160 -2.45 7.59 16.03
N GLY A 161 -3.04 8.74 15.70
CA GLY A 161 -4.30 9.12 16.33
C GLY A 161 -4.15 9.57 17.77
N HIS A 162 -3.00 10.16 18.11
CA HIS A 162 -2.73 10.60 19.48
C HIS A 162 -3.22 12.02 19.65
N TYR A 163 -4.43 12.16 20.16
CA TYR A 163 -5.05 13.45 20.42
C TYR A 163 -4.17 14.30 21.35
N ARG A 164 -3.67 13.70 22.43
CA ARG A 164 -2.99 14.50 23.45
C ARG A 164 -1.72 15.16 22.93
N VAL A 165 -0.81 14.39 22.31
CA VAL A 165 0.39 15.04 21.81
C VAL A 165 0.06 15.95 20.65
N THR A 166 -0.93 15.62 19.83
CA THR A 166 -1.32 16.49 18.72
C THR A 166 -1.61 17.91 19.24
N LYS A 167 -2.43 18.00 20.29
CA LYS A 167 -2.77 19.29 20.89
C LYS A 167 -1.54 20.02 21.41
N LEU A 168 -0.63 19.31 22.06
CA LEU A 168 0.56 19.95 22.57
C LEU A 168 1.44 20.46 21.42
N LEU A 169 1.62 19.65 20.38
CA LEU A 169 2.42 20.13 19.25
C LEU A 169 1.76 21.30 18.55
N LEU A 170 0.45 21.29 18.43
CA LEU A 170 -0.22 22.42 17.80
C LEU A 170 -0.10 23.67 18.62
N ASP A 171 -0.09 23.54 19.94
CA ASP A 171 0.08 24.71 20.80
C ASP A 171 1.51 25.22 20.77
N LYS A 172 2.48 24.37 20.43
CA LYS A 172 3.87 24.78 20.22
C LYS A 172 4.16 25.14 18.77
N ARG A 173 3.13 25.56 18.02
CA ARG A 173 3.28 26.15 16.69
C ARG A 173 3.77 25.13 15.65
N ALA A 174 3.47 23.84 15.83
CA ALA A 174 3.54 22.89 14.73
C ALA A 174 2.70 23.38 13.56
N ASN A 175 3.26 23.26 12.36
CA ASN A 175 2.55 23.73 11.19
C ASN A 175 1.48 22.71 10.82
N PRO A 176 0.18 23.04 10.93
CA PRO A 176 -0.86 22.05 10.66
C PRO A 176 -1.02 21.72 9.19
N ASN A 177 -0.32 22.45 8.31
CA ASN A 177 -0.35 22.17 6.88
C ASN A 177 1.01 21.69 6.37
N ALA A 178 1.88 21.21 7.25
CA ALA A 178 3.18 20.68 6.82
C ALA A 178 2.98 19.55 5.81
N ARG A 179 3.84 19.54 4.79
CA ARG A 179 3.71 18.61 3.68
C ARG A 179 4.71 17.47 3.83
N ALA A 180 4.20 16.26 4.00
CA ALA A 180 5.08 15.10 4.03
C ALA A 180 5.27 14.61 2.60
N LEU A 181 5.74 13.38 2.46
CA LEU A 181 5.77 12.63 1.21
C LEU A 181 4.43 12.72 0.46
N ASN A 182 4.52 13.04 -0.83
CA ASN A 182 3.35 13.12 -1.69
C ASN A 182 2.43 14.28 -1.33
N GLY A 183 2.92 15.24 -0.54
CA GLY A 183 2.11 16.39 -0.16
C GLY A 183 1.05 16.15 0.88
N PHE A 184 1.14 15.06 1.64
CA PHE A 184 0.16 14.80 2.68
C PHE A 184 0.38 15.73 3.87
N THR A 185 -0.68 16.44 4.26
CA THR A 185 -0.65 17.22 5.47
C THR A 185 -1.07 16.33 6.62
N PRO A 186 -0.91 16.78 7.85
CA PRO A 186 -1.44 15.97 8.98
C PRO A 186 -2.95 15.73 8.85
N LEU A 187 -3.70 16.69 8.31
CA LEU A 187 -5.13 16.45 8.12
C LEU A 187 -5.40 15.34 7.09
N HIS A 188 -4.68 15.34 5.95
CA HIS A 188 -4.80 14.21 5.02
C HIS A 188 -4.55 12.89 5.72
N ILE A 189 -3.56 12.86 6.61
CA ILE A 189 -3.19 11.60 7.29
C ILE A 189 -4.28 11.19 8.26
N ALA A 190 -4.77 12.13 9.06
CA ALA A 190 -5.84 11.81 9.99
C ALA A 190 -7.09 11.35 9.26
N CYS A 191 -7.34 11.86 8.04
CA CYS A 191 -8.52 11.43 7.27
C CYS A 191 -8.31 10.03 6.71
N LYS A 192 -7.07 9.71 6.31
CA LYS A 192 -6.80 8.37 5.83
C LYS A 192 -6.94 7.35 6.92
N LYS A 193 -6.47 7.68 8.13
CA LYS A 193 -6.39 6.74 9.24
C LYS A 193 -7.62 6.79 10.14
N ASN A 194 -8.62 7.59 9.79
CA ASN A 194 -9.87 7.65 10.52
C ASN A 194 -9.61 8.09 11.96
N ARG A 195 -8.87 9.18 12.11
CA ARG A 195 -8.58 9.75 13.42
C ARG A 195 -9.49 10.98 13.58
N ILE A 196 -10.66 10.76 14.18
CA ILE A 196 -11.72 11.77 14.24
C ILE A 196 -11.36 12.92 15.21
N LYS A 197 -10.92 12.60 16.43
CA LYS A 197 -10.58 13.66 17.37
C LYS A 197 -9.39 14.46 16.88
N VAL A 198 -8.37 13.78 16.33
CA VAL A 198 -7.21 14.50 15.79
C VAL A 198 -7.63 15.44 14.67
N MET A 199 -8.49 14.98 13.76
CA MET A 199 -8.84 15.82 12.62
C MET A 199 -9.60 17.08 13.08
N GLU A 200 -10.43 16.95 14.11
CA GLU A 200 -11.15 18.10 14.65
C GLU A 200 -10.16 19.09 15.25
N LEU A 201 -9.18 18.58 15.99
CA LEU A 201 -8.12 19.43 16.52
C LEU A 201 -7.41 20.18 15.40
N LEU A 202 -6.96 19.46 14.38
CA LEU A 202 -6.23 20.09 13.29
C LEU A 202 -7.07 21.14 12.57
N VAL A 203 -8.33 20.81 12.29
CA VAL A 203 -9.21 21.80 11.66
C VAL A 203 -9.34 23.03 12.56
N LYS A 204 -9.52 22.82 13.87
CA LYS A 204 -9.69 23.97 14.77
C LYS A 204 -8.45 24.83 14.80
N TYR A 205 -7.27 24.26 14.55
CA TYR A 205 -6.00 24.99 14.58
C TYR A 205 -5.56 25.47 13.20
N GLY A 206 -6.44 25.43 12.22
CA GLY A 206 -6.15 26.03 10.94
C GLY A 206 -5.67 25.10 9.84
N ALA A 207 -5.83 23.79 10.00
CA ALA A 207 -5.50 22.91 8.88
C ALA A 207 -6.44 23.23 7.72
N SER A 208 -5.88 23.20 6.51
CA SER A 208 -6.61 23.59 5.31
C SER A 208 -7.49 22.42 4.86
N ILE A 209 -8.81 22.64 4.89
CA ILE A 209 -9.81 21.69 4.38
C ILE A 209 -9.62 21.41 2.90
N GLN A 210 -9.04 22.36 2.16
CA GLN A 210 -8.92 22.24 0.72
C GLN A 210 -7.52 21.87 0.24
N ALA A 211 -6.54 21.71 1.14
CA ALA A 211 -5.19 21.33 0.72
C ALA A 211 -5.23 20.08 -0.15
N ILE A 212 -4.37 20.04 -1.16
CA ILE A 212 -4.28 18.88 -2.04
C ILE A 212 -2.89 18.25 -1.98
N THR A 213 -2.88 16.92 -2.11
CA THR A 213 -1.69 16.10 -2.28
C THR A 213 -1.20 16.27 -3.72
N GLU A 214 -0.14 15.54 -4.08
CA GLU A 214 0.41 15.69 -5.43
C GLU A 214 -0.44 15.06 -6.52
N SER A 215 -1.44 14.24 -6.19
CA SER A 215 -2.44 13.83 -7.18
C SER A 215 -3.70 14.69 -7.13
N GLY A 216 -3.68 15.77 -6.34
CA GLY A 216 -4.86 16.59 -6.20
C GLY A 216 -5.95 15.99 -5.35
N LEU A 217 -5.59 15.18 -4.35
CA LEU A 217 -6.57 14.67 -3.39
C LEU A 217 -6.72 15.68 -2.25
N THR A 218 -7.95 16.14 -2.05
CA THR A 218 -8.32 16.87 -0.84
C THR A 218 -8.57 15.89 0.27
N PRO A 219 -8.61 16.37 1.50
CA PRO A 219 -9.00 15.49 2.61
C PRO A 219 -10.29 14.72 2.36
N ILE A 220 -11.30 15.33 1.73
CA ILE A 220 -12.56 14.58 1.59
C ILE A 220 -12.43 13.48 0.55
N HIS A 221 -11.59 13.69 -0.48
CA HIS A 221 -11.25 12.61 -1.39
C HIS A 221 -10.65 11.42 -0.63
N VAL A 222 -9.68 11.70 0.25
CA VAL A 222 -9.01 10.65 1.01
C VAL A 222 -10.01 9.91 1.89
N ALA A 223 -10.79 10.65 2.68
CA ALA A 223 -11.72 10.01 3.60
C ALA A 223 -12.78 9.21 2.83
N ALA A 224 -13.23 9.76 1.68
CA ALA A 224 -14.23 9.07 0.87
C ALA A 224 -13.67 7.79 0.29
N PHE A 225 -12.46 7.83 -0.24
CA PHE A 225 -11.88 6.62 -0.82
C PHE A 225 -11.70 5.56 0.25
N MET A 226 -11.41 5.96 1.49
CA MET A 226 -11.15 5.04 2.58
C MET A 226 -12.42 4.61 3.29
N GLY A 227 -13.58 5.15 2.90
CA GLY A 227 -14.84 4.75 3.51
C GLY A 227 -15.06 5.25 4.93
N HIS A 228 -14.52 6.41 5.25
CA HIS A 228 -14.59 6.95 6.61
C HIS A 228 -15.73 7.96 6.66
N LEU A 229 -16.92 7.43 6.97
CA LEU A 229 -18.16 8.18 6.81
C LEU A 229 -18.21 9.39 7.73
N ASN A 230 -17.83 9.22 9.01
CA ASN A 230 -17.91 10.34 9.94
C ASN A 230 -16.87 11.42 9.61
N ILE A 231 -15.70 11.04 9.08
CA ILE A 231 -14.73 12.04 8.65
C ILE A 231 -15.29 12.87 7.49
N VAL A 232 -15.88 12.18 6.51
CA VAL A 232 -16.50 12.88 5.38
C VAL A 232 -17.53 13.90 5.88
N LEU A 233 -18.36 13.50 6.83
CA LEU A 233 -19.37 14.41 7.36
C LEU A 233 -18.74 15.57 8.13
N LEU A 234 -17.66 15.32 8.88
CA LEU A 234 -16.97 16.42 9.57
C LEU A 234 -16.38 17.41 8.58
N LEU A 235 -15.81 16.93 7.47
CA LEU A 235 -15.30 17.86 6.49
C LEU A 235 -16.44 18.64 5.82
N LEU A 236 -17.51 17.94 5.43
CA LEU A 236 -18.63 18.66 4.84
C LEU A 236 -19.17 19.70 5.79
N GLN A 237 -19.26 19.34 7.08
CA GLN A 237 -19.76 20.27 8.07
C GLN A 237 -18.83 21.48 8.22
N ASN A 238 -17.53 21.29 7.99
CA ASN A 238 -16.57 22.38 8.11
C ASN A 238 -16.28 23.07 6.77
N GLY A 239 -17.16 22.93 5.79
CA GLY A 239 -17.07 23.70 4.57
C GLY A 239 -16.45 23.00 3.38
N ALA A 240 -16.10 21.72 3.48
CA ALA A 240 -15.42 21.04 2.37
C ALA A 240 -16.34 20.88 1.17
N SER A 241 -15.80 21.15 -0.01
CA SER A 241 -16.59 21.03 -1.22
C SER A 241 -16.68 19.57 -1.63
N PRO A 242 -17.87 19.00 -1.78
CA PRO A 242 -17.98 17.66 -2.37
C PRO A 242 -17.76 17.64 -3.88
N ASP A 243 -17.66 18.79 -4.53
CA ASP A 243 -17.60 18.79 -5.99
C ASP A 243 -16.18 18.90 -6.56
N VAL A 244 -15.19 19.23 -5.72
CA VAL A 244 -13.82 19.36 -6.22
C VAL A 244 -13.34 18.04 -6.82
N THR A 245 -12.52 18.13 -7.87
CA THR A 245 -12.02 16.97 -8.59
C THR A 245 -10.52 16.80 -8.42
N ASN A 246 -10.08 15.55 -8.49
CA ASN A 246 -8.64 15.27 -8.45
C ASN A 246 -8.06 15.44 -9.86
N ILE A 247 -6.80 15.06 -10.05
CA ILE A 247 -6.20 15.33 -11.35
C ILE A 247 -6.80 14.45 -12.43
N ARG A 248 -7.28 13.25 -12.07
CA ARG A 248 -8.01 12.39 -13.01
C ARG A 248 -9.47 12.81 -13.18
N GLY A 249 -9.89 13.95 -12.60
CA GLY A 249 -11.25 14.43 -12.76
C GLY A 249 -12.32 13.78 -11.90
N GLU A 250 -11.95 13.07 -10.83
CA GLU A 250 -12.92 12.37 -9.99
C GLU A 250 -13.31 13.20 -8.79
N THR A 251 -14.61 13.20 -8.48
CA THR A 251 -15.09 13.70 -7.20
C THR A 251 -14.79 12.70 -6.10
N ALA A 252 -14.94 13.15 -4.85
CA ALA A 252 -14.97 12.21 -3.73
C ALA A 252 -16.01 11.12 -3.93
N LEU A 253 -17.17 11.48 -4.49
CA LEU A 253 -18.21 10.50 -4.78
C LEU A 253 -17.71 9.48 -5.79
N HIS A 254 -17.06 9.94 -6.86
CA HIS A 254 -16.51 8.99 -7.83
C HIS A 254 -15.47 8.08 -7.18
N MET A 255 -14.65 8.63 -6.28
CA MET A 255 -13.62 7.79 -5.68
C MET A 255 -14.24 6.76 -4.74
N ALA A 256 -15.22 7.19 -3.93
CA ALA A 256 -15.87 6.25 -3.01
C ALA A 256 -16.56 5.13 -3.76
N ALA A 257 -17.20 5.45 -4.90
CA ALA A 257 -17.87 4.42 -5.68
C ALA A 257 -16.85 3.50 -6.32
N ARG A 258 -15.76 4.06 -6.84
CA ARG A 258 -14.69 3.23 -7.39
C ARG A 258 -14.17 2.24 -6.34
N ALA A 259 -14.09 2.66 -5.09
CA ALA A 259 -13.60 1.78 -4.02
C ALA A 259 -14.71 0.95 -3.37
N GLY A 260 -15.95 1.08 -3.84
CA GLY A 260 -17.02 0.24 -3.30
C GLY A 260 -17.43 0.58 -1.89
N GLN A 261 -17.31 1.86 -1.47
CA GLN A 261 -17.64 2.29 -0.10
C GLN A 261 -19.12 2.65 -0.03
N VAL A 262 -19.94 1.66 0.34
CA VAL A 262 -21.39 1.83 0.21
C VAL A 262 -21.88 2.97 1.10
N GLU A 263 -21.47 2.98 2.37
CA GLU A 263 -21.92 4.02 3.30
C GLU A 263 -21.57 5.42 2.80
N VAL A 264 -20.35 5.62 2.30
CA VAL A 264 -19.96 6.97 1.89
C VAL A 264 -20.66 7.36 0.59
N VAL A 265 -20.83 6.41 -0.33
CA VAL A 265 -21.55 6.70 -1.56
C VAL A 265 -22.97 7.20 -1.26
N ARG A 266 -23.69 6.48 -0.39
CA ARG A 266 -25.03 6.90 0.00
C ARG A 266 -25.02 8.32 0.59
N CYS A 267 -24.06 8.57 1.48
CA CYS A 267 -23.98 9.87 2.13
C CYS A 267 -23.74 11.00 1.13
N LEU A 268 -22.74 10.84 0.24
CA LEU A 268 -22.45 11.89 -0.72
C LEU A 268 -23.58 12.05 -1.74
N LYS A 269 -24.29 10.96 -2.08
CA LYS A 269 -25.45 11.08 -2.94
C LYS A 269 -26.57 11.87 -2.25
N VAL A 270 -26.80 11.60 -0.96
CA VAL A 270 -27.80 12.34 -0.20
C VAL A 270 -27.42 13.81 -0.09
N VAL A 271 -26.12 14.09 0.15
CA VAL A 271 -25.68 15.46 0.35
C VAL A 271 -25.71 16.25 -0.96
N THR A 272 -25.47 15.60 -2.10
CA THR A 272 -25.45 16.29 -3.39
C THR A 272 -26.72 16.09 -4.22
N GLU A 273 -27.14 14.85 -4.49
CA GLU A 273 -28.31 14.58 -5.34
C GLU A 273 -29.61 14.95 -4.65
N GLY B 27 -5.79 -18.54 -30.33
CA GLY B 27 -6.41 -17.25 -30.58
C GLY B 27 -7.39 -16.88 -29.49
N MET B 28 -7.75 -17.88 -28.71
CA MET B 28 -8.60 -17.73 -27.54
C MET B 28 -7.81 -17.81 -26.23
N ASN B 29 -6.52 -18.07 -26.31
CA ASN B 29 -5.71 -18.17 -25.11
C ASN B 29 -4.70 -17.02 -25.05
N TYR B 30 -4.13 -16.91 -23.86
CA TYR B 30 -3.14 -15.90 -23.53
C TYR B 30 -1.95 -16.56 -22.83
N LEU B 31 -1.87 -17.89 -22.87
CA LEU B 31 -0.78 -18.65 -22.28
C LEU B 31 -0.15 -19.53 -23.35
N ARG B 32 1.18 -19.58 -23.36
CA ARG B 32 1.91 -20.71 -23.91
C ARG B 32 2.38 -21.68 -22.84
N TYR B 33 2.42 -21.25 -21.58
CA TYR B 33 2.82 -22.10 -20.45
C TYR B 33 1.79 -22.07 -19.34
N ASN B 50 18.26 -30.94 -8.92
CA ASN B 50 17.40 -29.98 -9.61
C ASN B 50 17.67 -28.52 -9.17
N GLY B 51 18.83 -28.29 -8.55
CA GLY B 51 19.29 -26.96 -8.19
C GLY B 51 18.66 -26.35 -6.94
N ILE B 52 17.94 -27.14 -6.15
CA ILE B 52 17.24 -26.67 -4.96
C ILE B 52 18.19 -26.57 -3.77
N THR B 53 18.16 -25.45 -3.06
CA THR B 53 19.08 -25.19 -1.97
C THR B 53 18.33 -25.06 -0.65
N PRO B 54 19.01 -25.21 0.48
CA PRO B 54 18.34 -25.02 1.77
C PRO B 54 17.65 -23.69 1.92
N LEU B 55 18.17 -22.61 1.30
CA LEU B 55 17.46 -21.33 1.35
C LEU B 55 16.12 -21.42 0.67
N HIS B 56 16.03 -22.20 -0.42
CA HIS B 56 14.75 -22.39 -1.10
C HIS B 56 13.74 -23.07 -0.18
N VAL B 57 14.17 -24.13 0.51
CA VAL B 57 13.23 -24.93 1.31
C VAL B 57 12.74 -24.13 2.50
N ALA B 58 13.66 -23.52 3.24
CA ALA B 58 13.26 -22.69 4.38
C ALA B 58 12.34 -21.54 3.93
N SER B 59 12.66 -20.90 2.80
CA SER B 59 11.83 -19.80 2.31
C SER B 59 10.43 -20.28 1.95
N LYS B 60 10.35 -21.44 1.30
CA LYS B 60 9.05 -22.02 1.00
C LYS B 60 8.24 -22.31 2.27
N ARG B 61 8.92 -22.75 3.34
CA ARG B 61 8.24 -23.14 4.59
C ARG B 61 8.03 -21.99 5.55
N GLY B 62 8.58 -20.80 5.28
CA GLY B 62 8.38 -19.68 6.14
C GLY B 62 9.21 -19.71 7.39
N ASN B 63 10.29 -20.50 7.41
CA ASN B 63 11.17 -20.62 8.57
C ASN B 63 12.14 -19.45 8.55
N THR B 64 11.69 -18.33 9.13
CA THR B 64 12.44 -17.09 9.05
C THR B 64 13.80 -17.21 9.73
N ASN B 65 13.84 -17.80 10.93
CA ASN B 65 15.10 -17.96 11.66
C ASN B 65 16.07 -18.87 10.92
N MET B 66 15.56 -19.96 10.33
CA MET B 66 16.44 -20.80 9.53
C MET B 66 17.05 -20.01 8.37
N VAL B 67 16.23 -19.17 7.71
CA VAL B 67 16.72 -18.37 6.58
C VAL B 67 17.73 -17.32 7.07
N LYS B 68 17.45 -16.67 8.20
CA LYS B 68 18.42 -15.74 8.73
C LYS B 68 19.74 -16.45 9.00
N LEU B 69 19.67 -17.67 9.53
CA LEU B 69 20.88 -18.43 9.84
C LEU B 69 21.62 -18.84 8.57
N LEU B 70 20.89 -19.33 7.56
CA LEU B 70 21.53 -19.73 6.31
C LEU B 70 22.19 -18.54 5.63
N LEU B 71 21.53 -17.37 5.61
CA LEU B 71 22.17 -16.20 5.03
C LEU B 71 23.37 -15.77 5.84
N ASP B 72 23.24 -15.80 7.18
CA ASP B 72 24.35 -15.41 8.03
C ASP B 72 25.56 -16.29 7.80
N ARG B 73 25.34 -17.55 7.42
CA ARG B 73 26.47 -18.44 7.19
C ARG B 73 26.91 -18.47 5.71
N GLY B 74 26.48 -17.51 4.90
CA GLY B 74 26.97 -17.37 3.54
C GLY B 74 26.14 -18.03 2.44
N GLY B 75 24.93 -18.47 2.74
CA GLY B 75 24.12 -19.10 1.72
C GLY B 75 23.79 -18.11 0.61
N GLN B 76 23.69 -18.62 -0.61
CA GLN B 76 23.51 -17.79 -1.79
C GLN B 76 22.05 -17.31 -1.86
N ILE B 77 21.85 -16.01 -1.71
CA ILE B 77 20.49 -15.47 -1.58
C ILE B 77 19.74 -15.54 -2.92
N ASP B 78 20.45 -15.52 -4.04
CA ASP B 78 19.85 -15.49 -5.37
C ASP B 78 20.06 -16.79 -6.14
N ALA B 79 20.38 -17.89 -5.46
CA ALA B 79 20.54 -19.17 -6.14
C ALA B 79 19.27 -19.51 -6.90
N LYS B 80 19.44 -20.11 -8.08
CA LYS B 80 18.35 -20.37 -9.01
C LYS B 80 18.15 -21.88 -9.20
N THR B 81 16.89 -22.28 -9.14
CA THR B 81 16.39 -23.59 -9.54
C THR B 81 16.70 -23.87 -11.02
N ARG B 82 16.51 -25.15 -11.42
CA ARG B 82 16.51 -25.49 -12.83
C ARG B 82 15.61 -24.56 -13.62
N ASP B 83 14.41 -24.33 -13.09
CA ASP B 83 13.40 -23.47 -13.68
C ASP B 83 13.60 -22.00 -13.38
N GLY B 84 14.73 -21.60 -12.81
CA GLY B 84 14.98 -20.20 -12.54
C GLY B 84 14.41 -19.64 -11.25
N LEU B 85 13.88 -20.47 -10.35
CA LEU B 85 13.28 -19.98 -9.11
C LEU B 85 14.33 -19.61 -8.08
N THR B 86 14.18 -18.45 -7.46
CA THR B 86 15.01 -17.99 -6.36
C THR B 86 14.26 -18.20 -5.05
N PRO B 87 14.95 -18.12 -3.91
CA PRO B 87 14.24 -18.29 -2.62
C PRO B 87 13.16 -17.24 -2.42
N LEU B 88 13.35 -16.03 -2.95
CA LEU B 88 12.33 -15.01 -2.89
C LEU B 88 11.06 -15.43 -3.64
N HIS B 89 11.23 -16.14 -4.76
CA HIS B 89 10.06 -16.70 -5.44
C HIS B 89 9.30 -17.68 -4.53
N CYS B 90 10.02 -18.60 -3.85
CA CYS B 90 9.38 -19.62 -3.02
C CYS B 90 8.66 -18.98 -1.84
N ALA B 91 9.31 -18.04 -1.17
CA ALA B 91 8.65 -17.32 -0.08
C ALA B 91 7.42 -16.54 -0.57
N ALA B 92 7.54 -15.87 -1.72
CA ALA B 92 6.41 -15.13 -2.26
C ALA B 92 5.29 -16.06 -2.70
N ARG B 93 5.63 -17.16 -3.40
CA ARG B 93 4.60 -18.08 -3.85
C ARG B 93 3.77 -18.62 -2.66
N SER B 94 4.41 -18.84 -1.51
CA SER B 94 3.76 -19.42 -0.34
C SER B 94 3.14 -18.38 0.59
N GLY B 95 3.31 -17.09 0.33
CA GLY B 95 2.74 -16.09 1.22
C GLY B 95 3.44 -15.92 2.56
N HIS B 96 4.74 -16.16 2.62
CA HIS B 96 5.47 -15.94 3.86
C HIS B 96 6.07 -14.54 3.83
N ASP B 97 5.23 -13.55 4.18
CA ASP B 97 5.70 -12.18 4.03
C ASP B 97 6.80 -11.86 5.02
N GLN B 98 6.81 -12.58 6.16
CA GLN B 98 7.94 -12.52 7.08
C GLN B 98 9.26 -12.80 6.34
N VAL B 99 9.29 -13.89 5.59
CA VAL B 99 10.50 -14.24 4.87
C VAL B 99 10.75 -13.28 3.71
N VAL B 100 9.66 -12.84 3.06
CA VAL B 100 9.80 -11.91 1.95
C VAL B 100 10.49 -10.64 2.39
N GLU B 101 10.02 -10.05 3.51
CA GLU B 101 10.63 -8.82 4.02
C GLU B 101 12.09 -9.03 4.36
N LEU B 102 12.41 -10.18 4.97
CA LEU B 102 13.80 -10.44 5.38
C LEU B 102 14.70 -10.59 4.17
N LEU B 103 14.24 -11.33 3.17
CA LEU B 103 15.02 -11.49 1.94
C LEU B 103 15.24 -10.17 1.23
N LEU B 104 14.19 -9.35 1.10
CA LEU B 104 14.37 -8.04 0.48
C LEU B 104 15.32 -7.18 1.31
N GLU B 105 15.17 -7.20 2.63
CA GLU B 105 16.05 -6.40 3.49
C GLU B 105 17.51 -6.81 3.31
N ARG B 106 17.76 -8.10 3.09
CA ARG B 106 19.11 -8.60 2.91
C ARG B 106 19.51 -8.64 1.45
N GLY B 107 18.76 -7.96 0.58
CA GLY B 107 19.22 -7.74 -0.77
C GLY B 107 18.83 -8.79 -1.78
N ALA B 108 17.80 -9.57 -1.53
CA ALA B 108 17.35 -10.48 -2.58
C ALA B 108 16.85 -9.67 -3.77
N PRO B 109 17.18 -10.09 -5.00
CA PRO B 109 16.79 -9.33 -6.18
C PRO B 109 15.36 -9.66 -6.62
N LEU B 110 14.46 -8.68 -6.51
CA LEU B 110 13.07 -8.94 -6.87
C LEU B 110 12.80 -8.85 -8.37
N LEU B 111 13.80 -8.48 -9.18
CA LEU B 111 13.62 -8.53 -10.62
C LEU B 111 14.00 -9.88 -11.21
N ALA B 112 14.49 -10.80 -10.39
CA ALA B 112 14.84 -12.09 -10.96
C ALA B 112 13.58 -12.76 -11.46
N ARG B 113 13.69 -13.42 -12.61
CA ARG B 113 12.55 -14.12 -13.18
C ARG B 113 12.92 -15.53 -13.55
N THR B 114 11.89 -16.37 -13.61
CA THR B 114 12.01 -17.75 -14.02
C THR B 114 12.14 -17.86 -15.52
N LYS B 115 12.36 -19.10 -15.98
CA LYS B 115 12.49 -19.38 -17.40
C LYS B 115 11.27 -18.89 -18.19
N ASN B 116 10.07 -18.99 -17.61
CA ASN B 116 8.85 -18.46 -18.24
C ASN B 116 8.60 -16.98 -17.94
N GLY B 117 9.48 -16.31 -17.19
CA GLY B 117 9.33 -14.88 -16.97
C GLY B 117 8.58 -14.45 -15.72
N LEU B 118 8.29 -15.35 -14.80
CA LEU B 118 7.58 -14.94 -13.58
C LEU B 118 8.54 -14.30 -12.58
N SER B 119 8.18 -13.13 -12.12
CA SER B 119 8.89 -12.52 -11.01
C SER B 119 8.26 -12.95 -9.70
N PRO B 120 8.90 -12.67 -8.56
CA PRO B 120 8.24 -13.01 -7.29
C PRO B 120 6.91 -12.32 -7.14
N LEU B 121 6.78 -11.10 -7.68
CA LEU B 121 5.49 -10.41 -7.69
C LEU B 121 4.40 -11.25 -8.36
N HIS B 122 4.70 -11.80 -9.55
CA HIS B 122 3.71 -12.66 -10.21
C HIS B 122 3.30 -13.83 -9.31
N MET B 123 4.24 -14.34 -8.50
CA MET B 123 3.96 -15.54 -7.70
C MET B 123 3.20 -15.17 -6.44
N ALA B 124 3.51 -14.01 -5.84
CA ALA B 124 2.66 -13.51 -4.76
C ALA B 124 1.24 -13.27 -5.25
N ALA B 125 1.09 -12.76 -6.47
CA ALA B 125 -0.25 -12.49 -6.99
C ALA B 125 -1.00 -13.78 -7.23
N GLN B 126 -0.29 -14.81 -7.69
CA GLN B 126 -0.90 -16.09 -7.96
C GLN B 126 -1.55 -16.69 -6.72
N GLY B 127 -1.05 -16.33 -5.53
CA GLY B 127 -1.59 -16.85 -4.30
C GLY B 127 -2.41 -15.88 -3.47
N ASP B 128 -2.76 -14.72 -4.02
CA ASP B 128 -3.50 -13.70 -3.29
C ASP B 128 -2.75 -13.24 -2.04
N HIS B 129 -1.43 -13.29 -2.07
CA HIS B 129 -0.63 -12.94 -0.90
C HIS B 129 -0.42 -11.42 -0.91
N VAL B 130 -1.38 -10.72 -0.30
CA VAL B 130 -1.43 -9.26 -0.32
C VAL B 130 -0.22 -8.65 0.40
N GLU B 131 0.14 -9.20 1.56
CA GLU B 131 1.29 -8.66 2.28
C GLU B 131 2.59 -8.87 1.50
N CYS B 132 2.73 -10.02 0.84
CA CYS B 132 3.92 -10.21 0.03
C CYS B 132 3.95 -9.24 -1.13
N VAL B 133 2.80 -9.01 -1.75
CA VAL B 133 2.71 -8.06 -2.86
C VAL B 133 3.09 -6.67 -2.36
N LYS B 134 2.60 -6.27 -1.19
CA LYS B 134 2.90 -4.95 -0.66
C LYS B 134 4.41 -4.78 -0.38
N HIS B 135 5.06 -5.80 0.20
CA HIS B 135 6.50 -5.71 0.45
C HIS B 135 7.29 -5.59 -0.84
N LEU B 136 6.93 -6.38 -1.85
CA LEU B 136 7.63 -6.33 -3.11
C LEU B 136 7.49 -4.96 -3.77
N LEU B 137 6.27 -4.42 -3.80
CA LEU B 137 6.07 -3.11 -4.43
C LEU B 137 6.79 -2.01 -3.65
N GLN B 138 6.81 -2.10 -2.32
CA GLN B 138 7.52 -1.11 -1.52
C GLN B 138 9.02 -1.14 -1.81
N HIS B 139 9.58 -2.31 -2.07
CA HIS B 139 10.98 -2.40 -2.48
C HIS B 139 11.16 -2.20 -3.99
N LYS B 140 10.27 -1.44 -4.64
CA LYS B 140 10.41 -0.90 -5.99
C LYS B 140 10.11 -1.91 -7.11
N ALA B 141 9.51 -3.06 -6.81
CA ALA B 141 9.16 -4.02 -7.86
C ALA B 141 8.20 -3.39 -8.87
N PRO B 142 8.45 -3.52 -10.17
CA PRO B 142 7.59 -2.87 -11.17
C PRO B 142 6.21 -3.50 -11.21
N VAL B 143 5.19 -2.67 -11.02
CA VAL B 143 3.84 -3.20 -10.89
C VAL B 143 3.43 -3.92 -12.15
N ASP B 144 3.92 -3.49 -13.31
CA ASP B 144 3.56 -4.11 -14.56
C ASP B 144 4.73 -4.90 -15.20
N ASP B 145 5.62 -5.47 -14.37
CA ASP B 145 6.54 -6.50 -14.86
C ASP B 145 5.76 -7.54 -15.66
N VAL B 146 6.34 -8.02 -16.77
CA VAL B 146 5.67 -8.98 -17.64
C VAL B 146 6.45 -10.30 -17.72
N THR B 147 5.71 -11.39 -17.93
CA THR B 147 6.27 -12.69 -18.21
C THR B 147 6.55 -12.80 -19.71
N LEU B 148 7.11 -13.94 -20.14
CA LEU B 148 7.28 -14.20 -21.56
C LEU B 148 5.98 -14.18 -22.33
N ASP B 149 4.86 -14.44 -21.66
CA ASP B 149 3.56 -14.33 -22.30
C ASP B 149 2.98 -12.91 -22.21
N TYR B 150 3.78 -11.94 -21.73
CA TYR B 150 3.35 -10.56 -21.57
C TYR B 150 2.37 -10.38 -20.40
N LEU B 151 2.31 -11.33 -19.49
CA LEU B 151 1.37 -11.22 -18.38
C LEU B 151 1.93 -10.34 -17.29
N THR B 152 1.15 -9.34 -16.87
CA THR B 152 1.43 -8.64 -15.63
C THR B 152 0.82 -9.41 -14.47
N ALA B 153 1.23 -9.02 -13.27
CA ALA B 153 0.64 -9.57 -12.06
C ALA B 153 -0.87 -9.33 -12.02
N LEU B 154 -1.35 -8.22 -12.60
CA LEU B 154 -2.78 -8.00 -12.68
C LEU B 154 -3.47 -9.05 -13.56
N HIS B 155 -2.85 -9.39 -14.70
CA HIS B 155 -3.35 -10.52 -15.51
C HIS B 155 -3.43 -11.78 -14.66
N VAL B 156 -2.39 -12.03 -13.89
CA VAL B 156 -2.32 -13.23 -13.06
C VAL B 156 -3.43 -13.22 -12.02
N ALA B 157 -3.59 -12.07 -11.33
CA ALA B 157 -4.66 -11.93 -10.34
C ALA B 157 -6.01 -12.13 -10.97
N ALA B 158 -6.25 -11.51 -12.13
CA ALA B 158 -7.53 -11.68 -12.80
C ALA B 158 -7.74 -13.13 -13.17
N HIS B 159 -6.68 -13.80 -13.62
CA HIS B 159 -6.81 -15.18 -14.07
C HIS B 159 -7.23 -16.09 -12.92
N CYS B 160 -6.61 -15.90 -11.75
CA CYS B 160 -6.98 -16.70 -10.58
C CYS B 160 -8.22 -16.18 -9.86
N GLY B 161 -8.79 -15.04 -10.25
CA GLY B 161 -9.95 -14.52 -9.55
C GLY B 161 -9.67 -13.95 -8.18
N HIS B 162 -8.43 -13.53 -7.92
CA HIS B 162 -8.05 -13.02 -6.59
C HIS B 162 -8.43 -11.54 -6.50
N TYR B 163 -9.57 -11.28 -5.84
CA TYR B 163 -10.07 -9.92 -5.69
C TYR B 163 -9.10 -9.04 -4.93
N ARG B 164 -8.51 -9.55 -3.84
CA ARG B 164 -7.77 -8.67 -2.94
C ARG B 164 -6.49 -8.15 -3.56
N VAL B 165 -5.71 -9.02 -4.21
CA VAL B 165 -4.50 -8.48 -4.85
C VAL B 165 -4.86 -7.71 -6.11
N THR B 166 -5.97 -8.05 -6.79
CA THR B 166 -6.39 -7.24 -7.95
C THR B 166 -6.60 -5.78 -7.53
N LYS B 167 -7.33 -5.57 -6.44
CA LYS B 167 -7.60 -4.22 -5.96
C LYS B 167 -6.30 -3.52 -5.56
N LEU B 168 -5.44 -4.21 -4.79
CA LEU B 168 -4.17 -3.59 -4.40
C LEU B 168 -3.31 -3.22 -5.62
N LEU B 169 -3.21 -4.11 -6.61
CA LEU B 169 -2.43 -3.77 -7.81
C LEU B 169 -3.04 -2.58 -8.54
N LEU B 170 -4.37 -2.54 -8.62
CA LEU B 170 -5.03 -1.43 -9.30
C LEU B 170 -4.77 -0.12 -8.57
N ASP B 171 -4.76 -0.16 -7.23
CA ASP B 171 -4.43 1.04 -6.48
C ASP B 171 -2.95 1.36 -6.57
N LYS B 172 -2.13 0.41 -7.02
CA LYS B 172 -0.72 0.62 -7.24
C LYS B 172 -0.41 0.90 -8.71
N ARG B 173 -1.38 1.48 -9.43
CA ARG B 173 -1.19 2.02 -10.76
C ARG B 173 -0.94 0.93 -11.79
N ALA B 174 -1.40 -0.30 -11.52
CA ALA B 174 -1.39 -1.33 -12.54
C ALA B 174 -2.32 -0.92 -13.68
N ASN B 175 -1.89 -1.18 -14.90
CA ASN B 175 -2.63 -0.78 -16.08
C ASN B 175 -3.78 -1.76 -16.30
N PRO B 176 -5.03 -1.32 -16.17
CA PRO B 176 -6.16 -2.25 -16.34
C PRO B 176 -6.37 -2.69 -17.78
N ASN B 177 -5.66 -2.08 -18.73
CA ASN B 177 -5.78 -2.41 -20.14
C ASN B 177 -4.48 -3.00 -20.71
N ALA B 178 -3.59 -3.46 -19.86
CA ALA B 178 -2.39 -4.07 -20.33
C ALA B 178 -2.69 -5.27 -21.18
N ARG B 179 -1.94 -5.40 -22.23
CA ARG B 179 -2.11 -6.45 -23.18
C ARG B 179 -1.13 -7.55 -23.02
N ALA B 180 -1.65 -8.75 -23.03
CA ALA B 180 -0.89 -9.96 -23.01
C ALA B 180 -0.51 -10.36 -24.41
N LEU B 181 0.04 -11.54 -24.58
CA LEU B 181 0.52 -11.97 -25.88
C LEU B 181 -0.51 -11.99 -26.99
N ASN B 182 -1.72 -12.35 -26.71
CA ASN B 182 -2.72 -12.35 -27.74
C ASN B 182 -3.61 -11.16 -27.67
N GLY B 183 -3.16 -10.10 -27.04
CA GLY B 183 -3.93 -8.90 -26.90
C GLY B 183 -4.93 -8.90 -25.78
N PHE B 184 -4.94 -9.94 -24.98
CA PHE B 184 -5.88 -9.99 -23.90
C PHE B 184 -5.56 -9.04 -22.78
N THR B 185 -6.57 -8.36 -22.35
CA THR B 185 -6.44 -7.53 -21.21
C THR B 185 -6.91 -8.31 -20.00
N PRO B 186 -6.63 -7.78 -18.84
CA PRO B 186 -7.07 -8.39 -17.62
C PRO B 186 -8.57 -8.53 -17.64
N LEU B 187 -9.31 -7.64 -18.27
CA LEU B 187 -10.75 -7.78 -18.38
C LEU B 187 -11.13 -8.97 -19.27
N HIS B 188 -10.46 -9.13 -20.41
CA HIS B 188 -10.67 -10.32 -21.23
C HIS B 188 -10.47 -11.58 -20.39
N ILE B 189 -9.41 -11.60 -19.60
CA ILE B 189 -9.09 -12.78 -18.82
C ILE B 189 -10.17 -13.05 -17.77
N ALA B 190 -10.59 -12.00 -17.05
CA ALA B 190 -11.65 -12.15 -16.06
C ALA B 190 -12.93 -12.65 -16.71
N CYS B 191 -13.21 -12.17 -17.93
CA CYS B 191 -14.39 -12.62 -18.66
C CYS B 191 -14.23 -14.07 -19.08
N LYS B 192 -13.04 -14.46 -19.52
CA LYS B 192 -12.83 -15.86 -19.91
C LYS B 192 -12.96 -16.80 -18.71
N LYS B 193 -12.47 -16.40 -17.55
CA LYS B 193 -12.49 -17.30 -16.40
C LYS B 193 -13.64 -17.02 -15.46
N ASN B 194 -14.63 -16.21 -15.87
CA ASN B 194 -15.85 -16.05 -15.09
C ASN B 194 -15.56 -15.46 -13.71
N ARG B 195 -14.65 -14.48 -13.65
CA ARG B 195 -14.31 -13.87 -12.37
C ARG B 195 -15.14 -12.61 -12.22
N ILE B 196 -16.37 -12.78 -11.72
CA ILE B 196 -17.38 -11.72 -11.75
C ILE B 196 -16.94 -10.51 -10.94
N LYS B 197 -16.53 -10.74 -9.68
CA LYS B 197 -16.16 -9.63 -8.81
C LYS B 197 -14.89 -8.94 -9.30
N VAL B 198 -13.90 -9.71 -9.75
CA VAL B 198 -12.72 -9.10 -10.37
C VAL B 198 -13.14 -8.27 -11.60
N MET B 199 -14.03 -8.82 -12.42
CA MET B 199 -14.47 -8.11 -13.62
C MET B 199 -15.13 -6.77 -13.27
N GLU B 200 -16.02 -6.77 -12.27
CA GLU B 200 -16.64 -5.52 -11.84
C GLU B 200 -15.60 -4.53 -11.33
N LEU B 201 -14.62 -5.02 -10.57
CA LEU B 201 -13.58 -4.14 -10.06
C LEU B 201 -12.78 -3.52 -11.20
N LEU B 202 -12.30 -4.36 -12.14
CA LEU B 202 -11.58 -3.86 -13.31
C LEU B 202 -12.36 -2.80 -14.08
N VAL B 203 -13.66 -3.01 -14.25
CA VAL B 203 -14.45 -2.01 -14.96
C VAL B 203 -14.48 -0.69 -14.20
N LYS B 204 -14.61 -0.74 -12.87
CA LYS B 204 -14.66 0.51 -12.09
C LYS B 204 -13.36 1.27 -12.18
N TYR B 205 -12.24 0.56 -12.38
CA TYR B 205 -10.93 1.19 -12.46
C TYR B 205 -10.52 1.50 -13.90
N GLY B 206 -11.47 1.54 -14.83
CA GLY B 206 -11.21 2.05 -16.16
C GLY B 206 -10.86 1.02 -17.21
N ALA B 207 -10.93 -0.28 -16.91
CA ALA B 207 -10.78 -1.29 -17.96
C ALA B 207 -11.77 -1.02 -19.10
N SER B 208 -11.27 -1.07 -20.31
CA SER B 208 -12.06 -0.75 -21.49
C SER B 208 -12.99 -1.92 -21.85
N ILE B 209 -14.29 -1.66 -21.79
CA ILE B 209 -15.32 -2.64 -22.14
C ILE B 209 -15.19 -3.09 -23.59
N GLN B 210 -14.56 -2.27 -24.43
CA GLN B 210 -14.55 -2.47 -25.86
C GLN B 210 -13.18 -2.84 -26.45
N ALA B 211 -12.16 -3.04 -25.60
CA ALA B 211 -10.85 -3.46 -26.10
C ALA B 211 -10.96 -4.75 -26.89
N ILE B 212 -10.11 -4.88 -27.91
CA ILE B 212 -10.11 -6.03 -28.81
C ILE B 212 -8.74 -6.71 -28.82
N THR B 213 -8.78 -8.04 -28.81
CA THR B 213 -7.75 -8.96 -29.24
C THR B 213 -7.29 -8.65 -30.66
N GLU B 214 -6.10 -9.14 -31.05
CA GLU B 214 -5.65 -9.13 -32.44
C GLU B 214 -6.73 -9.58 -33.41
N SER B 215 -7.41 -10.67 -33.05
CA SER B 215 -8.47 -11.26 -33.86
C SER B 215 -9.81 -10.52 -33.69
N GLY B 216 -9.83 -9.36 -33.03
CA GLY B 216 -11.06 -8.62 -32.91
C GLY B 216 -12.01 -9.04 -31.80
N LEU B 217 -11.57 -9.87 -30.85
CA LEU B 217 -12.44 -10.34 -29.76
C LEU B 217 -12.57 -9.27 -28.68
N THR B 218 -13.80 -8.85 -28.39
CA THR B 218 -14.09 -7.99 -27.25
C THR B 218 -14.33 -8.84 -26.01
N PRO B 219 -14.38 -8.21 -24.83
CA PRO B 219 -14.77 -8.98 -23.63
C PRO B 219 -16.05 -9.76 -23.79
N ILE B 220 -17.07 -9.21 -24.48
CA ILE B 220 -18.33 -9.90 -24.58
C ILE B 220 -18.23 -11.09 -25.53
N HIS B 221 -17.43 -10.99 -26.60
CA HIS B 221 -17.07 -12.17 -27.39
C HIS B 221 -16.54 -13.28 -26.49
N VAL B 222 -15.61 -12.94 -25.60
CA VAL B 222 -14.93 -13.96 -24.81
C VAL B 222 -15.91 -14.61 -23.82
N ALA B 223 -16.64 -13.78 -23.08
CA ALA B 223 -17.61 -14.29 -22.13
C ALA B 223 -18.65 -15.17 -22.83
N ALA B 224 -19.13 -14.75 -24.00
CA ALA B 224 -20.13 -15.52 -24.75
C ALA B 224 -19.60 -16.88 -25.18
N PHE B 225 -18.42 -16.88 -25.80
CA PHE B 225 -17.81 -18.13 -26.20
C PHE B 225 -17.67 -19.11 -25.02
N MET B 226 -17.24 -18.60 -23.86
CA MET B 226 -17.10 -19.39 -22.65
C MET B 226 -18.45 -19.73 -21.99
N GLY B 227 -19.53 -19.06 -22.39
CA GLY B 227 -20.85 -19.35 -21.84
C GLY B 227 -21.08 -18.72 -20.49
N HIS B 228 -20.39 -17.62 -20.16
CA HIS B 228 -20.51 -16.98 -18.84
C HIS B 228 -21.62 -15.95 -18.91
N LEU B 229 -22.83 -16.36 -18.50
CA LEU B 229 -24.05 -15.62 -18.79
C LEU B 229 -24.10 -14.32 -18.00
N ASN B 230 -23.85 -14.38 -16.69
CA ASN B 230 -23.91 -13.15 -15.90
C ASN B 230 -22.82 -12.15 -16.30
N ILE B 231 -21.65 -12.61 -16.75
CA ILE B 231 -20.61 -11.68 -17.25
C ILE B 231 -21.12 -10.93 -18.47
N VAL B 232 -21.67 -11.69 -19.44
CA VAL B 232 -22.30 -11.10 -20.61
C VAL B 232 -23.30 -10.00 -20.22
N LEU B 233 -24.17 -10.29 -19.25
CA LEU B 233 -25.17 -9.31 -18.84
C LEU B 233 -24.52 -8.09 -18.16
N LEU B 234 -23.46 -8.31 -17.38
CA LEU B 234 -22.76 -7.18 -16.74
C LEU B 234 -22.12 -6.27 -17.78
N LEU B 235 -21.52 -6.88 -18.82
CA LEU B 235 -20.98 -6.09 -19.92
C LEU B 235 -22.08 -5.34 -20.66
N LEU B 236 -23.21 -6.01 -20.91
CA LEU B 236 -24.32 -5.32 -21.54
C LEU B 236 -24.72 -4.12 -20.71
N GLN B 237 -24.74 -4.28 -19.40
CA GLN B 237 -25.22 -3.23 -18.53
C GLN B 237 -24.22 -2.09 -18.45
N ASN B 238 -22.94 -2.36 -18.65
CA ASN B 238 -21.95 -1.29 -18.69
C ASN B 238 -21.69 -0.79 -20.10
N GLY B 239 -22.59 -1.03 -21.03
CA GLY B 239 -22.53 -0.38 -22.32
C GLY B 239 -21.96 -1.19 -23.45
N ALA B 240 -21.59 -2.45 -23.21
CA ALA B 240 -20.98 -3.24 -24.28
C ALA B 240 -21.95 -3.45 -25.43
N SER B 241 -21.44 -3.34 -26.65
CA SER B 241 -22.25 -3.55 -27.84
C SER B 241 -22.32 -5.03 -28.19
N PRO B 242 -23.52 -5.59 -28.34
CA PRO B 242 -23.64 -6.97 -28.79
C PRO B 242 -23.48 -7.16 -30.28
N ASP B 243 -23.23 -6.10 -31.03
CA ASP B 243 -23.16 -6.20 -32.49
C ASP B 243 -21.75 -6.24 -33.05
N VAL B 244 -20.71 -6.07 -32.22
CA VAL B 244 -19.35 -6.00 -32.76
C VAL B 244 -18.95 -7.36 -33.33
N THR B 245 -18.26 -7.34 -34.47
CA THR B 245 -17.77 -8.54 -35.15
C THR B 245 -16.25 -8.64 -35.04
N ASN B 246 -15.76 -9.87 -34.84
CA ASN B 246 -14.33 -10.15 -34.93
C ASN B 246 -13.92 -10.28 -36.41
N ILE B 247 -12.64 -10.64 -36.64
CA ILE B 247 -12.11 -10.73 -38.01
C ILE B 247 -12.85 -11.77 -38.83
N ARG B 248 -13.22 -12.90 -38.21
CA ARG B 248 -14.02 -13.85 -38.96
C ARG B 248 -15.45 -13.34 -39.23
N GLY B 249 -15.83 -12.13 -38.81
CA GLY B 249 -17.17 -11.62 -39.00
C GLY B 249 -18.19 -12.07 -37.97
N GLU B 250 -17.74 -12.62 -36.86
CA GLU B 250 -18.61 -13.23 -35.85
C GLU B 250 -18.99 -12.24 -34.75
N THR B 251 -20.28 -12.19 -34.43
CA THR B 251 -20.74 -11.53 -33.23
C THR B 251 -20.55 -12.45 -32.03
N ALA B 252 -20.69 -11.87 -30.83
CA ALA B 252 -20.72 -12.69 -29.62
C ALA B 252 -21.75 -13.81 -29.73
N LEU B 253 -22.93 -13.51 -30.29
CA LEU B 253 -23.94 -14.55 -30.47
C LEU B 253 -23.42 -15.69 -31.34
N HIS B 254 -22.84 -15.36 -32.51
CA HIS B 254 -22.26 -16.37 -33.39
C HIS B 254 -21.27 -17.26 -32.64
N MET B 255 -20.36 -16.66 -31.88
CA MET B 255 -19.39 -17.45 -31.11
C MET B 255 -20.08 -18.33 -30.08
N ALA B 256 -21.02 -17.75 -29.31
CA ALA B 256 -21.75 -18.54 -28.32
C ALA B 256 -22.44 -19.74 -28.97
N ALA B 257 -22.99 -19.52 -30.17
CA ALA B 257 -23.64 -20.60 -30.90
C ALA B 257 -22.64 -21.64 -31.36
N ARG B 258 -21.48 -21.21 -31.86
CA ARG B 258 -20.48 -22.17 -32.29
C ARG B 258 -20.05 -23.08 -31.14
N ALA B 259 -19.98 -22.52 -29.93
CA ALA B 259 -19.53 -23.25 -28.73
C ALA B 259 -20.66 -23.98 -28.02
N GLY B 260 -21.87 -23.97 -28.58
CA GLY B 260 -22.98 -24.68 -27.97
C GLY B 260 -23.42 -24.10 -26.64
N GLN B 261 -23.23 -22.79 -26.44
CA GLN B 261 -23.56 -22.13 -25.18
C GLN B 261 -25.01 -21.65 -25.25
N VAL B 262 -25.94 -22.55 -24.88
CA VAL B 262 -27.35 -22.30 -25.13
C VAL B 262 -27.84 -21.11 -24.33
N GLU B 263 -27.43 -21.02 -23.07
CA GLU B 263 -27.91 -19.94 -22.19
C GLU B 263 -27.54 -18.59 -22.75
N VAL B 264 -26.28 -18.39 -23.14
CA VAL B 264 -25.87 -17.10 -23.68
C VAL B 264 -26.54 -16.85 -25.04
N VAL B 265 -26.63 -17.90 -25.88
CA VAL B 265 -27.33 -17.76 -27.16
C VAL B 265 -28.75 -17.25 -26.94
N ARG B 266 -29.44 -17.84 -25.97
CA ARG B 266 -30.75 -17.37 -25.59
C ARG B 266 -30.71 -15.88 -25.22
N CYS B 267 -29.74 -15.51 -24.37
CA CYS B 267 -29.64 -14.13 -23.88
C CYS B 267 -29.38 -13.16 -25.02
N LEU B 268 -28.38 -13.46 -25.85
CA LEU B 268 -28.06 -12.54 -26.93
C LEU B 268 -29.15 -12.52 -27.99
N LYS B 269 -29.85 -13.65 -28.20
CA LYS B 269 -30.99 -13.63 -29.13
C LYS B 269 -32.07 -12.69 -28.63
N VAL B 270 -32.29 -12.67 -27.31
CA VAL B 270 -33.31 -11.80 -26.72
C VAL B 270 -32.88 -10.33 -26.82
N VAL B 271 -31.63 -10.04 -26.46
CA VAL B 271 -31.15 -8.67 -26.48
C VAL B 271 -31.08 -8.11 -27.91
N THR B 272 -30.93 -8.96 -28.93
CA THR B 272 -31.00 -8.48 -30.31
C THR B 272 -32.10 -9.16 -31.15
C1 GOL C . -5.88 7.04 -4.89
O1 GOL C . -6.80 6.85 -3.87
C2 GOL C . -6.60 6.55 -6.12
O2 GOL C . -6.63 7.53 -7.09
C3 GOL C . -5.84 5.29 -6.51
O3 GOL C . -6.63 4.24 -6.08
C1 GOL D . -8.92 25.97 2.41
O1 GOL D . -10.00 26.30 1.61
C2 GOL D . -9.26 26.56 3.75
O2 GOL D . -8.16 27.12 4.38
C3 GOL D . -9.88 25.36 4.43
O3 GOL D . -10.10 25.63 5.79
S SO4 E . -17.09 5.35 10.20
O1 SO4 E . -17.08 5.10 8.76
O2 SO4 E . -18.07 4.47 10.80
O3 SO4 E . -15.80 4.98 10.80
O4 SO4 E . -17.38 6.75 10.44
S SO4 F . 23.07 12.57 13.73
O1 SO4 F . 23.63 11.51 12.90
O2 SO4 F . 21.89 12.14 13.01
O3 SO4 F . 23.06 12.21 15.15
O4 SO4 F . 23.16 13.98 13.41
S SO4 G . 2.46 11.19 29.56
O1 SO4 G . 2.60 9.75 29.26
O2 SO4 G . 1.47 11.75 28.65
O3 SO4 G . 2.02 11.44 30.92
O4 SO4 G . 3.77 11.82 29.41
S SO4 H . -10.78 8.56 17.05
O1 SO4 H . -9.45 7.96 16.81
O2 SO4 H . -11.65 8.30 15.90
O3 SO4 H . -11.45 7.97 18.21
O4 SO4 H . -10.62 9.98 17.31
S SO4 I . 10.33 7.99 34.33
O1 SO4 I . 11.15 6.81 34.50
O2 SO4 I . 9.08 7.66 33.62
O3 SO4 I . 9.94 8.55 35.62
O4 SO4 I . 11.11 8.98 33.59
S SO4 J . -0.45 2.29 7.34
O1 SO4 J . -0.31 1.08 6.55
O2 SO4 J . -1.71 2.96 7.00
O3 SO4 J . -0.44 1.97 8.77
O4 SO4 J . 0.67 3.19 7.04
S SO4 K . -5.02 1.64 14.90
O1 SO4 K . -3.77 1.19 15.50
O2 SO4 K . -5.82 0.48 14.49
O3 SO4 K . -5.78 2.42 15.88
O4 SO4 K . -4.73 2.43 13.70
S SO4 L . -11.84 1.83 10.63
O1 SO4 L . -11.70 0.84 9.57
O2 SO4 L . -12.83 2.82 10.22
O3 SO4 L . -12.31 1.19 11.85
O4 SO4 L . -10.55 2.48 10.87
S SO4 M . 17.36 -12.93 -14.06
O1 SO4 M . 18.42 -13.73 -14.67
O2 SO4 M . 16.09 -13.34 -14.63
O3 SO4 M . 17.37 -13.21 -12.63
O4 SO4 M . 17.62 -11.50 -14.23
S SO4 N . -6.61 -22.02 -18.14
O1 SO4 N . -5.26 -21.96 -18.72
O2 SO4 N . -7.33 -23.18 -18.66
O3 SO4 N . -6.51 -22.18 -16.69
O4 SO4 N . -7.35 -20.81 -18.48
S SO4 O . -23.27 -18.10 -15.27
O1 SO4 O . -23.05 -18.65 -16.63
O2 SO4 O . -24.31 -18.86 -14.59
O3 SO4 O . -22.09 -18.23 -14.41
O4 SO4 O . -23.75 -16.70 -15.36
S SO4 P . 11.19 -32.53 6.49
O1 SO4 P . 11.69 -33.89 6.71
O2 SO4 P . 10.46 -32.59 5.23
O3 SO4 P . 10.28 -32.15 7.58
O4 SO4 P . 12.28 -31.56 6.42
S SO4 Q . -2.35 -12.10 3.01
O1 SO4 Q . -2.34 -13.55 2.84
O2 SO4 Q . -3.42 -11.54 2.19
O3 SO4 Q . -2.54 -11.67 4.39
O4 SO4 Q . -1.05 -11.58 2.59
S SO4 R . -16.55 -14.71 -8.48
O1 SO4 R . -15.19 -15.04 -8.92
O2 SO4 R . -17.52 -15.23 -9.44
O3 SO4 R . -16.76 -15.34 -7.18
O4 SO4 R . -16.74 -13.27 -8.33
S SO4 S . 11.65 -20.49 12.20
O1 SO4 S . 12.91 -20.87 11.53
O2 SO4 S . 10.57 -21.33 11.72
O3 SO4 S . 11.81 -20.66 13.64
O4 SO4 S . 11.37 -19.07 11.97
S SO4 T . -10.92 -21.98 -10.59
O1 SO4 T . -9.59 -21.97 -11.21
O2 SO4 T . -11.42 -23.35 -10.54
O3 SO4 T . -10.87 -21.42 -9.24
O4 SO4 T . -11.85 -21.21 -11.43
S SO4 U . -18.04 -21.97 -14.74
O1 SO4 U . -16.83 -21.16 -14.68
O2 SO4 U . -17.98 -22.87 -15.89
O3 SO4 U . -18.20 -22.72 -13.49
O4 SO4 U . -19.21 -21.09 -14.88
S SO4 V . 7.82 -29.12 1.15
O1 SO4 V . 9.21 -29.02 0.72
O2 SO4 V . 6.96 -29.31 -0.02
O3 SO4 V . 7.68 -30.26 2.06
O4 SO4 V . 7.42 -27.90 1.84
#